data_7ZYH
#
_entry.id   7ZYH
#
_cell.length_a   60.127
_cell.length_b   115.125
_cell.length_c   66.444
_cell.angle_alpha   90.000
_cell.angle_beta   116.781
_cell.angle_gamma   90.000
#
_symmetry.space_group_name_H-M   'P 1 21 1'
#
loop_
_entity.id
_entity.type
_entity.pdbx_description
1 polymer 'Cleavage and polyadenylation specificity factor subunit 4'
2 polymer "Isoform 4 of Pre-mRNA 3'-end-processing factor FIP1"
3 non-polymer 'ZINC ION'
4 water water
#
loop_
_entity_poly.entity_id
_entity_poly.type
_entity_poly.pdbx_seq_one_letter_code
_entity_poly.pdbx_strand_id
1 'polypeptide(L)' SNAESKIKDCPWYDRGFCKHGPLCRHRHTRRVICVNYLVGFCPEGPSCKFMHPRFELPMGTTEQ A,D,G,J
2 'polypeptide(L)' SNAGSINGVPLLEVDLDSFEDKPWRKPGADLSDYFNYGFNEDTWKAYCEKQKRIRMGLEVIPVTSTTNK B,C,E,F,H,I,K,L
#
loop_
_chem_comp.id
_chem_comp.type
_chem_comp.name
_chem_comp.formula
ZN non-polymer 'ZINC ION' 'Zn 2'
#
# COMPACT_ATOMS: atom_id res chain seq x y z
N LYS A 8 -0.73 -18.21 -16.99
CA LYS A 8 0.08 -19.37 -16.62
C LYS A 8 1.42 -18.92 -16.02
N ASP A 9 1.99 -19.76 -15.15
CA ASP A 9 3.29 -19.52 -14.53
C ASP A 9 3.79 -20.87 -14.04
N CYS A 10 5.07 -21.17 -14.28
CA CYS A 10 5.60 -22.50 -13.98
C CYS A 10 5.81 -22.67 -12.47
N PRO A 11 5.24 -23.71 -11.85
CA PRO A 11 5.46 -23.89 -10.42
C PRO A 11 6.92 -24.11 -10.04
N TRP A 12 7.64 -24.94 -10.80
CA TRP A 12 9.03 -25.20 -10.45
C TRP A 12 9.89 -23.96 -10.66
N TYR A 13 9.63 -23.22 -11.72
CA TYR A 13 10.34 -21.97 -11.96
C TYR A 13 10.00 -20.96 -10.89
N ASP A 14 8.74 -20.97 -10.43
CA ASP A 14 8.33 -20.05 -9.37
C ASP A 14 9.07 -20.36 -8.07
N ARG A 15 9.41 -21.62 -7.86
CA ARG A 15 10.30 -21.96 -6.75
C ARG A 15 11.70 -21.45 -6.99
N GLY A 16 12.14 -21.37 -8.25
CA GLY A 16 13.43 -20.80 -8.59
C GLY A 16 14.25 -21.54 -9.63
N PHE A 17 13.90 -22.79 -9.92
CA PHE A 17 14.68 -23.59 -10.85
C PHE A 17 13.81 -24.66 -11.50
N CYS A 18 13.91 -24.78 -12.82
CA CYS A 18 13.20 -25.80 -13.59
C CYS A 18 14.21 -26.60 -14.41
N LYS A 19 14.18 -27.92 -14.23
CA LYS A 19 15.12 -28.81 -14.91
C LYS A 19 14.99 -28.73 -16.42
N HIS A 20 13.79 -28.46 -16.94
CA HIS A 20 13.55 -28.45 -18.38
C HIS A 20 14.01 -27.14 -19.01
N GLY A 21 13.44 -26.02 -18.59
CA GLY A 21 13.75 -24.71 -19.13
C GLY A 21 12.99 -24.33 -20.36
N PRO A 22 13.65 -24.36 -21.53
CA PRO A 22 12.92 -24.01 -22.77
C PRO A 22 11.94 -25.07 -23.19
N LEU A 23 12.09 -26.30 -22.68
CA LEU A 23 11.25 -27.42 -23.01
C LEU A 23 10.11 -27.61 -22.02
N CYS A 24 10.01 -26.73 -21.02
CA CYS A 24 8.95 -26.87 -20.05
C CYS A 24 7.61 -26.59 -20.72
N ARG A 25 6.60 -27.37 -20.36
CA ARG A 25 5.26 -27.20 -20.92
C ARG A 25 4.60 -25.92 -20.44
N HIS A 26 4.96 -25.42 -19.27
CA HIS A 26 4.37 -24.23 -18.68
C HIS A 26 5.29 -23.03 -18.89
N ARG A 27 4.77 -21.84 -18.64
CA ARG A 27 5.51 -20.61 -18.91
C ARG A 27 6.42 -20.25 -17.74
N HIS A 28 7.55 -19.65 -18.07
CA HIS A 28 8.61 -19.32 -17.12
C HIS A 28 8.69 -17.82 -16.92
N THR A 29 7.67 -17.26 -16.26
CA THR A 29 7.65 -15.83 -15.99
C THR A 29 8.82 -15.43 -15.09
N ARG A 30 9.68 -14.55 -15.58
CA ARG A 30 10.79 -14.05 -14.81
C ARG A 30 10.27 -13.14 -13.72
N ARG A 31 10.72 -13.38 -12.49
CA ARG A 31 10.22 -12.69 -11.32
C ARG A 31 11.42 -12.14 -10.54
N VAL A 32 11.15 -11.32 -9.54
CA VAL A 32 12.19 -10.80 -8.66
C VAL A 32 11.97 -11.33 -7.25
N ILE A 33 13.06 -11.72 -6.59
CA ILE A 33 12.99 -12.33 -5.27
C ILE A 33 13.23 -11.26 -4.22
N CYS A 34 12.61 -11.44 -3.06
CA CYS A 34 12.79 -10.53 -1.94
C CYS A 34 14.05 -10.91 -1.16
N VAL A 35 15.06 -10.05 -1.20
CA VAL A 35 16.28 -10.30 -0.44
C VAL A 35 15.95 -10.51 1.03
N ASN A 36 15.03 -9.69 1.57
CA ASN A 36 14.71 -9.80 2.98
C ASN A 36 14.13 -11.17 3.30
N TYR A 37 13.31 -11.72 2.42
CA TYR A 37 12.83 -13.08 2.61
C TYR A 37 13.97 -14.07 2.41
N LEU A 38 14.93 -13.74 1.54
CA LEU A 38 16.05 -14.64 1.28
C LEU A 38 16.98 -14.73 2.46
N VAL A 39 17.11 -13.66 3.26
CA VAL A 39 17.93 -13.77 4.46
C VAL A 39 17.11 -14.42 5.58
N GLY A 40 15.79 -14.24 5.59
CA GLY A 40 14.96 -14.96 6.53
C GLY A 40 13.60 -14.37 6.88
N PHE A 41 13.46 -13.05 6.87
CA PHE A 41 12.23 -12.43 7.33
C PHE A 41 11.87 -11.20 6.51
N CYS A 42 10.60 -11.10 6.14
CA CYS A 42 10.05 -9.92 5.49
C CYS A 42 8.70 -9.58 6.12
N PRO A 43 8.53 -8.38 6.66
CA PRO A 43 7.26 -8.07 7.36
C PRO A 43 6.08 -7.81 6.43
N GLU A 44 6.31 -7.43 5.17
CA GLU A 44 5.20 -7.17 4.26
C GLU A 44 4.43 -8.44 3.92
N GLY A 45 5.07 -9.60 4.00
CA GLY A 45 4.40 -10.84 3.71
C GLY A 45 3.74 -10.85 2.35
N PRO A 46 2.44 -11.17 2.30
CA PRO A 46 1.75 -11.19 1.00
C PRO A 46 1.74 -9.83 0.30
N SER A 47 1.92 -8.74 1.04
CA SER A 47 1.88 -7.42 0.44
C SER A 47 3.21 -6.99 -0.15
N CYS A 48 4.27 -7.77 0.04
CA CYS A 48 5.59 -7.39 -0.48
C CYS A 48 5.60 -7.38 -2.00
N LYS A 49 6.28 -6.38 -2.57
CA LYS A 49 6.39 -6.34 -4.03
C LYS A 49 7.14 -7.55 -4.57
N PHE A 50 8.12 -8.05 -3.84
CA PHE A 50 9.06 -9.03 -4.35
C PHE A 50 8.72 -10.44 -3.89
N MET A 51 9.14 -11.41 -4.68
CA MET A 51 8.64 -12.76 -4.53
C MET A 51 9.13 -13.38 -3.24
N HIS A 52 8.29 -14.20 -2.62
CA HIS A 52 8.64 -15.01 -1.46
C HIS A 52 8.58 -16.48 -1.85
N PRO A 53 9.59 -16.96 -2.58
CA PRO A 53 9.54 -18.35 -3.07
C PRO A 53 9.47 -19.36 -1.94
N ARG A 54 8.53 -20.28 -2.04
CA ARG A 54 8.45 -21.43 -1.15
C ARG A 54 9.40 -22.52 -1.64
N PHE A 55 10.10 -23.18 -0.70
CA PHE A 55 11.05 -24.22 -1.05
C PHE A 55 10.46 -25.61 -0.96
N GLU A 56 9.17 -25.73 -0.68
CA GLU A 56 8.45 -27.01 -0.74
C GLU A 56 8.93 -27.88 -1.90
N ASP B 21 25.40 -32.63 -20.24
CA ASP B 21 24.61 -33.36 -19.25
C ASP B 21 23.51 -32.48 -18.67
N LYS B 22 23.87 -31.23 -18.38
CA LYS B 22 22.93 -30.23 -17.84
C LYS B 22 22.72 -29.15 -18.88
N PRO B 23 21.50 -28.96 -19.40
CA PRO B 23 21.37 -28.16 -20.63
C PRO B 23 21.41 -26.66 -20.42
N TRP B 24 21.39 -26.17 -19.18
CA TRP B 24 21.64 -24.76 -18.95
C TRP B 24 23.11 -24.43 -19.18
N ARG B 25 23.97 -25.44 -19.24
CA ARG B 25 25.40 -25.24 -19.29
C ARG B 25 25.95 -25.04 -20.70
N LYS B 26 25.11 -24.93 -21.68
CA LYS B 26 25.65 -24.81 -23.03
C LYS B 26 25.60 -23.37 -23.54
N PRO B 27 26.58 -22.95 -24.35
CA PRO B 27 26.57 -21.55 -24.81
C PRO B 27 25.31 -21.19 -25.57
N GLY B 28 24.63 -22.16 -26.19
CA GLY B 28 23.41 -21.85 -26.90
C GLY B 28 22.20 -21.68 -26.02
N ALA B 29 22.35 -22.01 -24.73
CA ALA B 29 21.32 -21.84 -23.72
C ALA B 29 21.37 -20.47 -23.05
N ASP B 30 20.24 -20.10 -22.45
CA ASP B 30 20.11 -18.90 -21.62
C ASP B 30 19.69 -19.36 -20.23
N LEU B 31 20.54 -19.12 -19.23
CA LEU B 31 20.25 -19.63 -17.90
C LEU B 31 18.85 -19.23 -17.44
N SER B 32 18.47 -17.97 -17.70
CA SER B 32 17.19 -17.46 -17.19
C SER B 32 16.02 -18.35 -17.55
N ASP B 33 16.14 -19.13 -18.62
CA ASP B 33 15.09 -20.09 -18.96
C ASP B 33 14.99 -21.20 -17.93
N TYR B 34 16.05 -21.44 -17.15
CA TYR B 34 16.06 -22.48 -16.13
C TYR B 34 15.89 -21.92 -14.72
N PHE B 35 16.61 -20.86 -14.39
CA PHE B 35 16.62 -20.29 -13.05
C PHE B 35 15.85 -18.98 -13.04
N ASN B 36 15.01 -18.80 -12.02
CA ASN B 36 14.27 -17.56 -11.83
C ASN B 36 15.03 -16.65 -10.88
N TYR B 37 14.57 -15.42 -10.79
CA TYR B 37 15.08 -14.44 -9.84
C TYR B 37 16.56 -14.14 -10.02
N GLY B 38 17.12 -14.45 -11.18
CA GLY B 38 18.53 -14.18 -11.36
C GLY B 38 19.45 -15.14 -10.66
N PHE B 39 18.96 -16.32 -10.30
CA PHE B 39 19.82 -17.32 -9.70
C PHE B 39 20.89 -17.77 -10.69
N ASN B 40 21.98 -18.26 -10.13
CA ASN B 40 23.02 -18.94 -10.89
C ASN B 40 23.04 -20.42 -10.54
N GLU B 41 23.78 -21.19 -11.32
CA GLU B 41 24.02 -22.58 -10.95
C GLU B 41 24.59 -22.64 -9.55
N ASP B 42 25.59 -21.81 -9.27
CA ASP B 42 26.21 -21.77 -7.96
C ASP B 42 25.41 -21.09 -6.92
N THR B 43 24.67 -20.05 -7.30
CA THR B 43 23.84 -19.38 -6.32
C THR B 43 22.64 -20.23 -5.95
N TRP B 44 22.06 -20.94 -6.93
CA TRP B 44 20.95 -21.84 -6.61
C TRP B 44 21.41 -22.98 -5.71
N LYS B 45 22.53 -23.62 -6.04
CA LYS B 45 23.05 -24.66 -5.16
C LYS B 45 23.29 -24.12 -3.77
N ALA B 46 23.93 -22.96 -3.68
CA ALA B 46 24.14 -22.33 -2.37
C ALA B 46 22.82 -22.12 -1.66
N TYR B 47 21.78 -21.73 -2.41
CA TYR B 47 20.48 -21.48 -1.80
C TYR B 47 19.89 -22.78 -1.27
N CYS B 48 20.11 -23.89 -1.98
CA CYS B 48 19.62 -25.18 -1.49
C CYS B 48 20.39 -25.62 -0.27
N GLU B 49 21.72 -25.43 -0.24
CA GLU B 49 22.47 -25.78 0.97
C GLU B 49 21.96 -25.00 2.18
N LYS B 50 21.78 -23.69 2.01
CA LYS B 50 21.23 -22.89 3.10
C LYS B 50 19.90 -23.45 3.57
N GLN B 51 19.01 -23.76 2.62
CA GLN B 51 17.75 -24.38 3.00
C GLN B 51 18.00 -25.62 3.83
N LYS B 52 18.92 -26.47 3.38
CA LYS B 52 19.16 -27.73 4.08
C LYS B 52 19.62 -27.47 5.50
N ARG B 53 20.66 -26.65 5.66
CA ARG B 53 21.19 -26.38 6.99
C ARG B 53 20.16 -25.70 7.89
N ILE B 54 19.56 -24.62 7.41
CA ILE B 54 18.72 -23.81 8.29
C ILE B 54 17.56 -24.62 8.83
N ARG B 55 16.78 -25.23 7.93
CA ARG B 55 15.61 -25.99 8.36
C ARG B 55 15.98 -27.17 9.26
N MET B 56 17.27 -27.46 9.44
CA MET B 56 17.68 -28.61 10.24
C MET B 56 19.11 -28.38 10.71
N GLY B 57 19.29 -28.21 12.01
CA GLY B 57 20.62 -28.09 12.57
C GLY B 57 20.84 -26.80 13.31
N LEU B 58 22.11 -26.38 13.43
CA LEU B 58 22.46 -25.13 14.10
C LEU B 58 21.77 -25.04 15.45
N ALA C 3 22.95 -9.39 4.70
CA ALA C 3 22.49 -9.04 3.35
C ALA C 3 21.14 -8.34 3.40
N GLY C 4 20.45 -8.48 4.54
CA GLY C 4 19.14 -7.88 4.70
C GLY C 4 19.20 -6.50 5.32
N SER C 5 18.11 -5.74 5.15
CA SER C 5 18.04 -4.39 5.70
C SER C 5 16.62 -3.86 5.60
N ILE C 6 16.21 -3.11 6.61
CA ILE C 6 14.91 -2.45 6.64
C ILE C 6 15.15 -0.96 6.86
N ASN C 7 14.81 -0.15 5.86
CA ASN C 7 14.95 1.30 5.91
C ASN C 7 16.25 1.71 6.60
N GLY C 8 17.35 1.05 6.27
CA GLY C 8 18.62 1.46 6.82
C GLY C 8 19.05 0.77 8.08
N VAL C 9 18.57 -0.45 8.34
CA VAL C 9 18.92 -1.21 9.54
C VAL C 9 19.11 -2.68 9.17
N PRO C 10 20.25 -3.31 9.46
CA PRO C 10 20.40 -4.73 9.11
C PRO C 10 19.23 -5.55 9.64
N LEU C 11 18.74 -6.46 8.79
CA LEU C 11 17.52 -7.20 9.11
C LEU C 11 17.65 -8.00 10.39
N LEU C 12 18.85 -8.50 10.68
CA LEU C 12 19.02 -9.30 11.89
C LEU C 12 19.00 -8.42 13.13
N GLU C 13 19.35 -7.14 12.97
CA GLU C 13 19.42 -6.22 14.09
C GLU C 13 18.12 -5.44 14.29
N VAL C 14 17.13 -5.67 13.44
CA VAL C 14 15.81 -5.09 13.65
C VAL C 14 15.13 -5.85 14.77
N ASP C 15 14.37 -5.14 15.61
CA ASP C 15 13.66 -5.78 16.72
C ASP C 15 12.20 -5.95 16.32
N LEU C 16 11.75 -7.20 16.28
CA LEU C 16 10.37 -7.46 15.92
C LEU C 16 9.37 -6.93 16.93
N ASP C 17 9.78 -6.74 18.19
CA ASP C 17 8.88 -6.23 19.21
C ASP C 17 8.43 -4.79 18.98
N SER C 18 9.17 -4.03 18.17
CA SER C 18 8.86 -2.63 17.94
C SER C 18 7.72 -2.41 16.95
N PHE C 19 7.49 -3.37 16.06
CA PHE C 19 6.45 -3.21 15.05
C PHE C 19 5.05 -2.98 15.60
N GLU C 20 4.29 -2.16 14.86
CA GLU C 20 2.95 -1.79 15.24
C GLU C 20 1.91 -2.80 14.75
N ASP C 21 2.18 -3.50 13.64
CA ASP C 21 1.20 -4.42 13.09
C ASP C 21 1.34 -5.83 13.65
N LYS C 22 2.54 -6.41 13.57
CA LYS C 22 2.83 -7.80 13.90
C LYS C 22 1.70 -8.72 13.45
N PRO C 23 1.41 -8.79 12.14
CA PRO C 23 0.35 -9.67 11.64
C PRO C 23 0.74 -11.14 11.55
N TRP C 24 1.92 -11.50 12.00
CA TRP C 24 2.41 -12.88 12.00
C TRP C 24 2.13 -13.56 13.32
N ARG C 25 1.36 -12.92 14.21
CA ARG C 25 0.83 -13.53 15.41
C ARG C 25 -0.60 -14.03 15.22
N LYS C 26 -1.19 -13.77 14.05
CA LYS C 26 -2.59 -14.08 13.79
C LYS C 26 -2.89 -15.57 13.97
N PRO C 27 -4.14 -15.88 14.38
CA PRO C 27 -4.56 -17.29 14.51
C PRO C 27 -4.81 -17.98 13.19
N GLY C 28 -3.75 -18.17 12.41
CA GLY C 28 -3.85 -18.92 11.18
C GLY C 28 -3.16 -18.26 10.00
N ALA C 29 -2.50 -17.14 10.27
CA ALA C 29 -1.75 -16.44 9.24
C ALA C 29 -0.82 -17.36 8.46
N ASP C 30 -0.42 -16.93 7.27
CA ASP C 30 0.55 -17.66 6.46
C ASP C 30 1.96 -17.24 6.86
N LEU C 31 2.44 -17.80 7.98
CA LEU C 31 3.77 -17.41 8.42
C LEU C 31 4.84 -17.70 7.38
N SER C 32 4.55 -18.58 6.41
CA SER C 32 5.49 -18.79 5.32
C SER C 32 5.64 -17.54 4.49
N ASP C 33 4.63 -16.67 4.50
CA ASP C 33 4.74 -15.41 3.79
C ASP C 33 5.77 -14.50 4.45
N TYR C 34 5.92 -14.60 5.77
CA TYR C 34 6.82 -13.73 6.52
C TYR C 34 8.15 -14.38 6.84
N PHE C 35 8.15 -15.63 7.32
CA PHE C 35 9.38 -16.27 7.78
C PHE C 35 9.75 -17.36 6.77
N ASN C 36 10.98 -17.31 6.30
CA ASN C 36 11.54 -18.33 5.44
C ASN C 36 12.19 -19.42 6.28
N TYR C 37 12.48 -20.54 5.63
CA TYR C 37 13.12 -21.68 6.28
C TYR C 37 12.30 -22.22 7.44
N GLY C 38 11.00 -21.94 7.48
CA GLY C 38 10.19 -22.36 8.61
C GLY C 38 10.51 -21.67 9.91
N PHE C 39 11.04 -20.45 9.85
CA PHE C 39 11.30 -19.69 11.06
C PHE C 39 10.00 -19.37 11.80
N ASN C 40 10.14 -19.06 13.09
CA ASN C 40 9.08 -18.48 13.89
C ASN C 40 9.57 -17.16 14.45
N GLU C 41 8.64 -16.35 14.97
CA GLU C 41 9.04 -15.10 15.61
C GLU C 41 10.15 -15.37 16.62
N ASP C 42 9.96 -16.39 17.47
CA ASP C 42 10.99 -16.70 18.45
C ASP C 42 12.22 -17.31 17.78
N THR C 43 12.01 -18.21 16.82
CA THR C 43 13.14 -18.86 16.17
C THR C 43 13.95 -17.87 15.34
N TRP C 44 13.28 -16.91 14.71
CA TRP C 44 13.99 -15.89 13.95
C TRP C 44 14.84 -15.03 14.85
N LYS C 45 14.27 -14.55 15.95
CA LYS C 45 15.03 -13.76 16.91
C LYS C 45 16.19 -14.57 17.47
N ALA C 46 15.97 -15.84 17.78
CA ALA C 46 17.06 -16.70 18.23
C ALA C 46 18.14 -16.82 17.15
N TYR C 47 17.74 -17.14 15.93
CA TYR C 47 18.65 -17.12 14.79
C TYR C 47 19.39 -15.79 14.73
N CYS C 48 18.65 -14.70 14.87
CA CYS C 48 19.28 -13.38 14.87
C CYS C 48 20.30 -13.29 15.99
N GLU C 49 19.91 -13.65 17.21
CA GLU C 49 20.83 -13.49 18.33
C GLU C 49 22.04 -14.39 18.18
N LYS C 50 21.85 -15.56 17.58
CA LYS C 50 22.98 -16.43 17.27
C LYS C 50 23.91 -15.80 16.25
N GLN C 51 23.34 -15.28 15.16
CA GLN C 51 24.18 -14.71 14.11
C GLN C 51 24.99 -13.53 14.61
N LYS C 52 24.39 -12.70 15.47
CA LYS C 52 25.09 -11.52 15.95
C LYS C 52 26.28 -11.88 16.84
N ARG C 53 26.12 -12.90 17.70
CA ARG C 53 27.22 -13.25 18.59
C ARG C 53 28.46 -13.67 17.83
N ILE C 54 28.29 -14.19 16.61
CA ILE C 54 29.40 -14.61 15.78
C ILE C 54 30.16 -13.41 15.21
N ARG C 55 29.53 -12.72 14.28
CA ARG C 55 30.20 -11.66 13.54
C ARG C 55 29.85 -10.28 14.04
N ASP D 9 1.57 19.71 15.70
CA ASP D 9 2.96 19.53 16.10
C ASP D 9 3.81 20.67 15.56
N CYS D 10 5.08 20.68 15.93
CA CYS D 10 5.96 21.78 15.53
C CYS D 10 6.38 21.61 14.08
N PRO D 11 6.22 22.63 13.23
CA PRO D 11 6.74 22.50 11.86
C PRO D 11 8.24 22.26 11.82
N TRP D 12 8.98 22.95 12.68
CA TRP D 12 10.44 22.86 12.66
C TRP D 12 10.90 21.48 13.12
N TYR D 13 10.23 20.90 14.10
CA TYR D 13 10.58 19.57 14.55
C TYR D 13 10.31 18.54 13.45
N ASP D 14 9.19 18.69 12.75
CA ASP D 14 8.88 17.78 11.65
C ASP D 14 9.88 17.94 10.51
N ARG D 15 10.42 19.14 10.34
CA ARG D 15 11.56 19.28 9.43
C ARG D 15 12.79 18.58 9.97
N GLY D 16 12.92 18.52 11.29
CA GLY D 16 14.01 17.80 11.89
C GLY D 16 14.65 18.51 13.07
N PHE D 17 14.40 19.80 13.22
CA PHE D 17 15.05 20.55 14.30
C PHE D 17 14.22 21.76 14.69
N CYS D 18 14.00 21.90 16.00
CA CYS D 18 13.33 23.04 16.60
C CYS D 18 14.21 23.65 17.68
N LYS D 19 14.46 24.96 17.56
CA LYS D 19 15.30 25.66 18.52
C LYS D 19 14.67 25.66 19.91
N HIS D 20 13.34 25.63 20.00
CA HIS D 20 12.71 25.72 21.31
C HIS D 20 12.88 24.43 22.08
N GLY D 21 13.08 23.32 21.36
CA GLY D 21 13.06 21.97 21.90
C GLY D 21 12.02 21.68 22.96
N PRO D 22 12.41 21.54 24.22
CA PRO D 22 11.41 21.27 25.27
C PRO D 22 10.54 22.46 25.52
N LEU D 23 10.94 23.64 25.04
CA LEU D 23 10.24 24.89 25.27
C LEU D 23 9.29 25.22 24.14
N CYS D 24 9.16 24.34 23.16
CA CYS D 24 8.31 24.62 22.01
C CYS D 24 6.84 24.67 22.41
N ARG D 25 6.10 25.58 21.77
CA ARG D 25 4.67 25.71 22.03
C ARG D 25 3.90 24.51 21.48
N HIS D 26 4.42 23.89 20.42
CA HIS D 26 3.74 22.81 19.70
C HIS D 26 4.30 21.44 20.08
N ARG D 27 3.70 20.41 19.48
CA ARG D 27 4.06 19.04 19.79
C ARG D 27 5.36 18.66 19.10
N HIS D 28 6.18 17.90 19.81
CA HIS D 28 7.46 17.42 19.28
C HIS D 28 7.40 15.91 19.14
N THR D 29 6.48 15.43 18.29
CA THR D 29 6.35 14.00 18.06
C THR D 29 7.59 13.46 17.36
N ARG D 30 8.28 12.53 18.00
CA ARG D 30 9.44 11.91 17.39
C ARG D 30 9.02 10.98 16.26
N ARG D 31 9.68 11.11 15.13
CA ARG D 31 9.34 10.37 13.92
C ARG D 31 10.64 9.75 13.41
N VAL D 32 10.51 8.87 12.42
CA VAL D 32 11.67 8.24 11.80
C VAL D 32 11.74 8.72 10.36
N ILE D 33 12.95 8.94 9.89
CA ILE D 33 13.19 9.48 8.56
C ILE D 33 13.43 8.33 7.59
N CYS D 34 13.06 8.55 6.33
CA CYS D 34 13.33 7.57 5.29
C CYS D 34 14.77 7.77 4.83
N VAL D 35 15.63 6.79 5.09
CA VAL D 35 17.02 6.90 4.67
C VAL D 35 17.10 7.18 3.18
N ASN D 36 16.29 6.49 2.38
CA ASN D 36 16.38 6.61 0.93
C ASN D 36 16.03 8.03 0.48
N TYR D 37 15.03 8.65 1.10
CA TYR D 37 14.75 10.04 0.79
C TYR D 37 15.89 10.93 1.25
N LEU D 38 16.53 10.56 2.36
CA LEU D 38 17.68 11.29 2.85
C LEU D 38 18.86 11.18 1.89
N VAL D 39 18.94 10.08 1.16
CA VAL D 39 20.01 9.95 0.18
C VAL D 39 19.63 10.71 -1.09
N GLY D 40 18.35 10.78 -1.40
CA GLY D 40 17.89 11.61 -2.52
C GLY D 40 16.59 11.21 -3.17
N PHE D 41 16.28 9.92 -3.19
CA PHE D 41 15.15 9.41 -3.94
C PHE D 41 14.49 8.26 -3.21
N CYS D 42 13.16 8.30 -3.13
CA CYS D 42 12.35 7.21 -2.57
C CYS D 42 11.18 6.94 -3.50
N PRO D 43 11.00 5.71 -3.99
CA PRO D 43 9.89 5.46 -4.91
C PRO D 43 8.54 5.39 -4.25
N GLU D 44 8.48 5.12 -2.94
CA GLU D 44 7.19 5.07 -2.25
C GLU D 44 6.51 6.43 -2.19
N GLY D 45 7.28 7.52 -2.24
CA GLY D 45 6.72 8.85 -2.21
C GLY D 45 5.82 9.08 -1.01
N PRO D 46 4.59 9.56 -1.27
CA PRO D 46 3.68 9.83 -0.15
C PRO D 46 3.31 8.60 0.63
N SER D 47 3.40 7.43 0.02
CA SER D 47 3.01 6.20 0.69
C SER D 47 4.11 5.62 1.57
N CYS D 48 5.29 6.23 1.60
CA CYS D 48 6.38 5.65 2.38
C CYS D 48 5.99 5.66 3.85
N LYS D 49 6.27 4.56 4.55
CA LYS D 49 6.00 4.51 5.98
C LYS D 49 6.85 5.51 6.73
N PHE D 50 8.06 5.77 6.24
CA PHE D 50 9.04 6.56 6.96
C PHE D 50 9.04 7.98 6.43
N MET D 51 9.39 8.91 7.31
CA MET D 51 9.17 10.31 7.02
C MET D 51 10.06 10.81 5.90
N HIS D 52 9.52 11.71 5.10
CA HIS D 52 10.27 12.39 4.06
C HIS D 52 10.36 13.88 4.41
N PRO D 53 11.18 14.27 5.38
CA PRO D 53 11.21 15.67 5.79
C PRO D 53 11.60 16.56 4.61
N ARG D 54 10.78 17.57 4.35
CA ARG D 54 11.17 18.61 3.40
C ARG D 54 12.12 19.62 4.03
N PHE D 55 13.10 20.04 3.24
CA PHE D 55 14.05 21.05 3.66
C PHE D 55 13.65 22.43 3.12
N GLU D 56 12.38 22.58 2.74
CA GLU D 56 11.84 23.83 2.23
C GLU D 56 11.45 24.77 3.37
N LYS E 22 24.78 25.76 23.19
CA LYS E 22 23.33 25.88 23.28
C LYS E 22 22.74 24.78 24.15
N PRO E 23 21.42 24.81 24.37
CA PRO E 23 20.86 24.07 25.52
C PRO E 23 20.72 22.56 25.33
N TRP E 24 20.94 22.02 24.14
CA TRP E 24 21.11 20.57 24.02
C TRP E 24 22.46 20.13 24.55
N ARG E 25 23.39 21.06 24.76
CA ARG E 25 24.75 20.67 25.12
C ARG E 25 24.98 20.49 26.61
N LYS E 26 24.14 21.07 27.48
CA LYS E 26 24.47 20.93 28.89
C LYS E 26 23.55 19.88 29.51
N PRO E 27 23.99 19.19 30.55
CA PRO E 27 23.23 18.06 31.09
C PRO E 27 21.82 18.45 31.52
N GLY E 28 21.03 17.42 31.80
CA GLY E 28 19.62 17.57 32.02
C GLY E 28 18.84 17.80 30.74
N ALA E 29 19.53 18.03 29.63
CA ALA E 29 18.92 18.18 28.31
C ALA E 29 18.89 16.83 27.60
N ASP E 30 17.92 16.69 26.70
CA ASP E 30 17.82 15.53 25.83
C ASP E 30 17.74 15.97 24.37
N LEU E 31 18.70 15.51 23.57
CA LEU E 31 18.70 15.85 22.15
C LEU E 31 17.32 15.66 21.54
N SER E 32 16.66 14.57 21.90
CA SER E 32 15.38 14.23 21.30
C SER E 32 14.36 15.34 21.43
N ASP E 33 14.46 16.17 22.47
CA ASP E 33 13.56 17.32 22.54
C ASP E 33 13.85 18.35 21.46
N TYR E 34 15.07 18.36 20.93
CA TYR E 34 15.47 19.33 19.91
C TYR E 34 15.55 18.72 18.52
N PHE E 35 16.17 17.56 18.38
CA PHE E 35 16.44 16.95 17.08
C PHE E 35 15.53 15.75 16.87
N ASN E 36 14.93 15.67 15.69
CA ASN E 36 14.05 14.60 15.27
C ASN E 36 14.84 13.56 14.49
N TYR E 37 14.19 12.41 14.29
CA TYR E 37 14.75 11.32 13.48
C TYR E 37 16.07 10.82 14.01
N GLY E 38 16.35 11.11 15.28
CA GLY E 38 17.61 10.70 15.86
C GLY E 38 18.78 11.54 15.43
N PHE E 39 18.52 12.75 14.93
CA PHE E 39 19.63 13.63 14.58
C PHE E 39 20.32 14.10 15.86
N ASN E 40 21.61 14.42 15.72
CA ASN E 40 22.34 15.23 16.68
C ASN E 40 22.76 16.50 15.95
N GLU E 41 23.23 17.49 16.69
CA GLU E 41 23.65 18.73 16.04
C GLU E 41 24.66 18.43 14.95
N ASP E 42 25.62 17.55 15.23
CA ASP E 42 26.68 17.31 14.26
C ASP E 42 26.10 16.71 12.99
N THR E 43 25.11 15.83 13.13
CA THR E 43 24.46 15.26 11.96
C THR E 43 23.55 16.28 11.28
N TRP E 44 22.87 17.11 12.06
CA TRP E 44 22.03 18.14 11.46
C TRP E 44 22.86 19.13 10.66
N LYS E 45 24.00 19.57 11.22
CA LYS E 45 24.90 20.44 10.47
C LYS E 45 25.31 19.78 9.15
N ALA E 46 25.74 18.52 9.23
CA ALA E 46 26.13 17.81 8.02
C ALA E 46 24.97 17.77 7.04
N TYR E 47 23.75 17.62 7.55
CA TYR E 47 22.56 17.54 6.71
C TYR E 47 22.26 18.87 6.03
N CYS E 48 22.42 19.98 6.73
CA CYS E 48 22.18 21.28 6.12
C CYS E 48 23.27 21.62 5.10
N GLU E 49 24.53 21.30 5.39
CA GLU E 49 25.59 21.55 4.43
C GLU E 49 25.30 20.82 3.13
N LYS E 50 24.98 19.52 3.21
CA LYS E 50 24.68 18.76 2.00
C LYS E 50 23.50 19.35 1.24
N GLN E 51 22.43 19.70 1.93
CA GLN E 51 21.28 20.31 1.26
C GLN E 51 21.71 21.45 0.36
N LYS E 52 22.45 22.41 0.91
CA LYS E 52 22.94 23.53 0.13
C LYS E 52 23.90 23.06 -0.97
N ARG E 53 24.86 22.21 -0.62
CA ARG E 53 25.84 21.76 -1.60
C ARG E 53 25.15 21.12 -2.80
N ILE E 54 24.20 20.22 -2.55
CA ILE E 54 23.60 19.46 -3.64
C ILE E 54 23.01 20.42 -4.66
N ARG E 55 22.12 21.31 -4.21
CA ARG E 55 21.64 22.37 -5.05
C ARG E 55 22.84 23.23 -5.43
N MET E 56 22.73 23.93 -6.56
CA MET E 56 23.83 24.74 -7.08
C MET E 56 24.83 23.87 -7.84
N ALA F 3 24.73 5.34 0.87
CA ALA F 3 24.24 4.60 2.01
C ALA F 3 22.74 4.38 1.89
N GLY F 4 22.29 4.03 0.69
CA GLY F 4 20.90 3.76 0.44
C GLY F 4 20.76 2.51 -0.41
N SER F 5 19.56 1.92 -0.37
CA SER F 5 19.37 0.70 -1.15
C SER F 5 17.90 0.28 -1.17
N ILE F 6 17.50 -0.32 -2.29
CA ILE F 6 16.18 -0.90 -2.47
C ILE F 6 16.32 -2.38 -2.83
N ASN F 7 15.77 -3.25 -1.99
CA ASN F 7 15.86 -4.70 -2.17
C ASN F 7 17.27 -5.14 -2.52
N GLY F 8 18.24 -4.56 -1.82
CA GLY F 8 19.61 -5.00 -1.85
C GLY F 8 20.46 -4.45 -2.97
N VAL F 9 20.01 -3.42 -3.65
CA VAL F 9 20.74 -2.85 -4.78
C VAL F 9 21.00 -1.41 -4.41
N PRO F 10 22.25 -0.95 -4.40
CA PRO F 10 22.51 0.43 -4.00
C PRO F 10 21.62 1.42 -4.73
N LEU F 11 21.13 2.40 -3.98
CA LEU F 11 20.15 3.33 -4.53
C LEU F 11 20.70 4.08 -5.72
N LEU F 12 22.00 4.33 -5.76
CA LEU F 12 22.57 5.16 -6.80
C LEU F 12 22.59 4.47 -8.16
N GLU F 13 22.63 3.14 -8.18
CA GLU F 13 22.67 2.41 -9.43
C GLU F 13 21.29 1.97 -9.91
N VAL F 14 20.23 2.25 -9.16
CA VAL F 14 18.89 1.96 -9.66
C VAL F 14 18.54 3.02 -10.69
N ASP F 15 17.97 2.59 -11.81
CA ASP F 15 17.56 3.47 -12.88
C ASP F 15 16.04 3.49 -12.96
N LEU F 16 15.47 4.68 -12.87
CA LEU F 16 14.03 4.85 -12.86
C LEU F 16 13.37 4.46 -14.18
N ASP F 17 14.10 4.48 -15.30
CA ASP F 17 13.46 4.04 -16.53
C ASP F 17 13.02 2.58 -16.46
N SER F 18 13.59 1.81 -15.55
CA SER F 18 13.18 0.42 -15.35
C SER F 18 11.89 0.34 -14.54
N PHE F 19 11.66 1.28 -13.63
CA PHE F 19 10.44 1.28 -12.84
C PHE F 19 9.19 1.32 -13.72
N GLU F 20 8.15 0.61 -13.26
CA GLU F 20 6.91 0.48 -13.99
C GLU F 20 5.94 1.62 -13.73
N ASP F 21 6.02 2.23 -12.55
CA ASP F 21 5.02 3.22 -12.15
C ASP F 21 5.29 4.61 -12.68
N LYS F 22 6.50 5.12 -12.42
CA LYS F 22 6.90 6.50 -12.71
C LYS F 22 5.77 7.49 -12.39
N PRO F 23 5.31 7.51 -11.13
CA PRO F 23 4.29 8.49 -10.73
C PRO F 23 4.87 9.87 -10.43
N TRP F 24 6.17 10.03 -10.62
CA TRP F 24 6.88 11.29 -10.43
C TRP F 24 7.02 12.05 -11.73
N ARG F 25 6.47 11.51 -12.82
CA ARG F 25 6.41 12.17 -14.10
C ARG F 25 5.07 12.80 -14.36
N LYS F 26 4.08 12.58 -13.48
CA LYS F 26 2.79 13.18 -13.68
C LYS F 26 2.97 14.70 -13.68
N PRO F 27 2.18 15.44 -14.45
CA PRO F 27 2.32 16.90 -14.45
C PRO F 27 1.93 17.52 -13.13
N GLY F 28 1.27 16.78 -12.23
CA GLY F 28 0.94 17.31 -10.93
C GLY F 28 2.15 17.80 -10.16
N ALA F 29 3.32 17.24 -10.45
CA ALA F 29 4.59 17.65 -9.85
C ALA F 29 4.59 17.48 -8.33
N ASP F 30 4.36 16.25 -7.89
CA ASP F 30 4.51 15.88 -6.49
C ASP F 30 5.93 15.45 -6.13
N LEU F 31 6.95 15.93 -6.86
CA LEU F 31 8.34 15.54 -6.67
C LEU F 31 8.89 15.89 -5.30
N SER F 32 8.19 16.68 -4.49
CA SER F 32 8.64 16.91 -3.12
C SER F 32 8.48 15.64 -2.28
N ASP F 33 7.50 14.80 -2.65
CA ASP F 33 7.32 13.54 -1.94
C ASP F 33 8.36 12.48 -2.35
N TYR F 34 8.79 12.50 -3.60
CA TYR F 34 9.71 11.49 -4.12
C TYR F 34 11.17 11.94 -4.09
N PHE F 35 11.45 13.16 -4.56
CA PHE F 35 12.81 13.64 -4.72
C PHE F 35 13.12 14.72 -3.70
N ASN F 36 14.25 14.57 -3.03
CA ASN F 36 14.74 15.56 -2.09
C ASN F 36 15.61 16.55 -2.84
N TYR F 37 15.93 17.64 -2.15
CA TYR F 37 16.83 18.67 -2.68
C TYR F 37 16.33 19.26 -3.99
N GLY F 38 15.04 19.12 -4.27
CA GLY F 38 14.52 19.59 -5.54
C GLY F 38 15.04 18.81 -6.71
N PHE F 39 15.38 17.54 -6.51
CA PHE F 39 15.85 16.74 -7.63
C PHE F 39 14.75 16.59 -8.68
N ASN F 40 15.18 16.28 -9.90
CA ASN F 40 14.30 15.82 -10.95
C ASN F 40 14.76 14.45 -11.40
N GLU F 41 13.87 13.75 -12.11
CA GLU F 41 14.25 12.46 -12.65
C GLU F 41 15.55 12.57 -13.43
N ASP F 42 15.65 13.59 -14.30
CA ASP F 42 16.88 13.77 -15.07
C ASP F 42 18.03 14.25 -14.20
N THR F 43 17.77 15.21 -13.32
CA THR F 43 18.84 15.71 -12.46
C THR F 43 19.30 14.64 -11.47
N TRP F 44 18.38 13.81 -10.98
CA TRP F 44 18.75 12.72 -10.10
C TRP F 44 19.64 11.71 -10.80
N LYS F 45 19.26 11.30 -12.01
CA LYS F 45 20.11 10.38 -12.76
C LYS F 45 21.48 10.97 -13.06
N ALA F 46 21.53 12.25 -13.41
CA ALA F 46 22.82 12.88 -13.64
C ALA F 46 23.67 12.78 -12.38
N TYR F 47 23.10 13.17 -11.23
CA TYR F 47 23.76 12.98 -9.95
C TYR F 47 24.22 11.55 -9.79
N CYS F 48 23.35 10.59 -10.11
CA CYS F 48 23.74 9.19 -10.01
C CYS F 48 24.95 8.88 -10.87
N GLU F 49 24.90 9.25 -12.15
CA GLU F 49 26.03 8.95 -13.03
C GLU F 49 27.28 9.70 -12.61
N LYS F 50 27.12 10.90 -12.06
CA LYS F 50 28.27 11.61 -11.49
C LYS F 50 28.87 10.79 -10.36
N GLN F 51 28.03 10.33 -9.43
CA GLN F 51 28.54 9.59 -8.28
C GLN F 51 29.24 8.31 -8.71
N LYS F 52 28.73 7.63 -9.73
CA LYS F 52 29.35 6.38 -10.14
C LYS F 52 30.74 6.62 -10.73
N ARG F 53 30.91 7.69 -11.50
CA ARG F 53 32.21 7.96 -12.10
C ARG F 53 33.29 8.17 -11.06
N ILE F 54 32.91 8.62 -9.87
CA ILE F 54 33.87 8.85 -8.80
C ILE F 54 34.43 7.52 -8.30
N ILE G 7 -1.02 -15.04 25.46
CA ILE G 7 -2.30 -14.58 24.94
C ILE G 7 -2.40 -14.91 23.45
N LYS G 8 -3.62 -15.03 22.94
CA LYS G 8 -3.84 -15.38 21.55
C LYS G 8 -5.17 -14.77 21.10
N ASP G 9 -5.21 -14.32 19.85
CA ASP G 9 -6.48 -13.91 19.26
C ASP G 9 -7.31 -15.14 18.94
N CYS G 10 -8.61 -15.06 19.16
CA CYS G 10 -9.48 -16.23 19.02
C CYS G 10 -9.69 -16.56 17.56
N PRO G 11 -9.41 -17.79 17.13
CA PRO G 11 -9.67 -18.12 15.72
C PRO G 11 -11.13 -18.01 15.32
N TRP G 12 -12.04 -18.48 16.18
CA TRP G 12 -13.46 -18.51 15.83
C TRP G 12 -14.05 -17.10 15.81
N TYR G 13 -13.62 -16.24 16.74
CA TYR G 13 -14.12 -14.88 16.75
C TYR G 13 -13.69 -14.15 15.49
N ASP G 14 -12.43 -14.34 15.08
CA ASP G 14 -11.97 -13.72 13.83
C ASP G 14 -12.69 -14.32 12.63
N ARG G 15 -13.14 -15.58 12.74
CA ARG G 15 -14.08 -16.08 11.75
C ARG G 15 -15.39 -15.32 11.82
N GLY G 16 -15.75 -14.83 13.00
CA GLY G 16 -16.92 -13.98 13.16
C GLY G 16 -17.76 -14.32 14.35
N PHE G 17 -17.58 -15.51 14.91
CA PHE G 17 -18.43 -15.95 16.01
C PHE G 17 -17.73 -16.99 16.87
N CYS G 18 -17.77 -16.78 18.19
CA CYS G 18 -17.29 -17.76 19.16
C CYS G 18 -18.43 -18.00 20.15
N LYS G 19 -18.83 -19.27 20.31
CA LYS G 19 -19.93 -19.61 21.20
C LYS G 19 -19.62 -19.23 22.65
N HIS G 20 -18.33 -19.18 23.02
CA HIS G 20 -17.99 -18.87 24.40
C HIS G 20 -18.19 -17.38 24.69
N GLY G 21 -17.46 -16.53 24.00
CA GLY G 21 -17.49 -15.10 24.21
C GLY G 21 -16.68 -14.65 25.41
N PRO G 22 -17.35 -14.35 26.51
CA PRO G 22 -16.60 -13.92 27.71
C PRO G 22 -15.83 -15.05 28.35
N LEU G 23 -16.15 -16.31 28.04
CA LEU G 23 -15.54 -17.48 28.64
C LEU G 23 -14.43 -18.06 27.78
N CYS G 24 -14.16 -17.49 26.62
CA CYS G 24 -13.13 -18.02 25.75
C CYS G 24 -11.74 -17.75 26.32
N ARG G 25 -10.84 -18.72 26.10
CA ARG G 25 -9.47 -18.54 26.57
C ARG G 25 -8.76 -17.45 25.80
N HIS G 26 -9.12 -17.25 24.53
CA HIS G 26 -8.39 -16.36 23.66
C HIS G 26 -9.13 -15.02 23.57
N ARG G 27 -8.44 -14.03 23.02
CA ARG G 27 -8.94 -12.66 23.01
C ARG G 27 -9.89 -12.44 21.83
N HIS G 28 -10.92 -11.62 22.07
CA HIS G 28 -11.97 -11.34 21.11
C HIS G 28 -11.81 -9.90 20.68
N THR G 29 -10.68 -9.62 20.03
CA THR G 29 -10.40 -8.28 19.51
C THR G 29 -11.43 -7.96 18.44
N ARG G 30 -12.20 -6.90 18.66
CA ARG G 30 -13.22 -6.54 17.70
C ARG G 30 -12.56 -5.98 16.44
N ARG G 31 -13.00 -6.46 15.29
CA ARG G 31 -12.40 -6.07 14.02
C ARG G 31 -13.51 -5.61 13.07
N VAL G 32 -13.09 -5.08 11.93
CA VAL G 32 -13.99 -4.64 10.88
C VAL G 32 -13.76 -5.51 9.65
N ILE G 33 -14.84 -5.90 8.99
CA ILE G 33 -14.78 -6.79 7.84
C ILE G 33 -14.85 -5.97 6.56
N CYS G 34 -14.25 -6.49 5.50
CA CYS G 34 -14.30 -5.84 4.20
C CYS G 34 -15.60 -6.19 3.48
N VAL G 35 -16.46 -5.20 3.27
CA VAL G 35 -17.71 -5.43 2.56
C VAL G 35 -17.47 -6.09 1.20
N ASN G 36 -16.46 -5.63 0.48
CA ASN G 36 -16.22 -6.17 -0.86
C ASN G 36 -15.83 -7.63 -0.80
N TYR G 37 -15.04 -8.01 0.20
CA TYR G 37 -14.76 -9.43 0.40
C TYR G 37 -16.01 -10.18 0.82
N LEU G 38 -16.89 -9.52 1.58
CA LEU G 38 -18.14 -10.15 1.99
C LEU G 38 -19.06 -10.35 0.79
N VAL G 39 -18.94 -9.52 -0.24
CA VAL G 39 -19.75 -9.73 -1.42
C VAL G 39 -19.14 -10.81 -2.31
N GLY G 40 -17.81 -10.95 -2.28
CA GLY G 40 -17.17 -12.05 -2.98
C GLY G 40 -15.73 -11.84 -3.37
N PHE G 41 -15.35 -10.60 -3.65
CA PHE G 41 -14.03 -10.32 -4.21
C PHE G 41 -13.52 -9.00 -3.65
N CYS G 42 -12.23 -8.96 -3.32
CA CYS G 42 -11.58 -7.73 -2.89
C CYS G 42 -10.26 -7.58 -3.63
N PRO G 43 -10.05 -6.46 -4.34
CA PRO G 43 -8.82 -6.34 -5.14
C PRO G 43 -7.59 -5.99 -4.34
N GLU G 44 -7.75 -5.33 -3.19
CA GLU G 44 -6.57 -5.01 -2.40
C GLU G 44 -5.89 -6.28 -1.88
N GLY G 45 -6.63 -7.37 -1.74
CA GLY G 45 -6.03 -8.62 -1.35
C GLY G 45 -5.22 -8.48 -0.09
N PRO G 46 -3.93 -8.81 -0.20
CA PRO G 46 -3.07 -8.72 1.00
C PRO G 46 -3.00 -7.33 1.57
N SER G 47 -3.19 -6.31 0.74
CA SER G 47 -3.05 -4.93 1.18
C SER G 47 -4.34 -4.35 1.76
N CYS G 48 -5.45 -5.08 1.72
CA CYS G 48 -6.69 -4.49 2.19
C CYS G 48 -6.60 -4.20 3.67
N LYS G 49 -7.09 -3.02 4.06
CA LYS G 49 -7.11 -2.67 5.47
C LYS G 49 -8.06 -3.57 6.25
N PHE G 50 -9.15 -4.02 5.63
CA PHE G 50 -10.25 -4.66 6.33
C PHE G 50 -10.15 -6.17 6.22
N MET G 51 -10.72 -6.84 7.21
CA MET G 51 -10.48 -8.27 7.36
C MET G 51 -11.08 -9.06 6.21
N HIS G 52 -10.34 -10.07 5.76
CA HIS G 52 -10.73 -11.03 4.74
C HIS G 52 -10.83 -12.39 5.41
N PRO G 53 -11.90 -12.66 6.13
CA PRO G 53 -11.96 -13.91 6.92
C PRO G 53 -11.76 -15.15 6.06
N ARG G 54 -10.88 -16.04 6.53
CA ARG G 54 -10.83 -17.39 5.99
C ARG G 54 -11.99 -18.16 6.59
N PHE G 55 -12.74 -18.88 5.76
CA PHE G 55 -13.86 -19.67 6.27
C PHE G 55 -13.44 -21.14 6.35
N LYS H 22 -29.29 -19.59 22.47
CA LYS H 22 -28.11 -19.39 23.33
C LYS H 22 -28.01 -17.96 23.85
N PRO H 23 -26.95 -17.66 24.62
CA PRO H 23 -26.96 -16.46 25.45
C PRO H 23 -26.65 -15.14 24.75
N TRP H 24 -26.52 -15.08 23.42
CA TRP H 24 -26.54 -13.74 22.83
C TRP H 24 -27.88 -13.08 23.13
N ARG H 25 -28.86 -13.91 23.49
CA ARG H 25 -30.18 -13.48 23.91
C ARG H 25 -30.28 -13.23 25.41
N LYS H 26 -29.11 -13.06 26.11
CA LYS H 26 -29.08 -12.92 27.56
C LYS H 26 -29.22 -11.47 27.95
N PRO H 27 -29.80 -11.20 29.14
CA PRO H 27 -30.04 -9.80 29.53
C PRO H 27 -28.78 -8.97 29.59
N GLY H 28 -27.77 -9.45 30.31
CA GLY H 28 -26.57 -8.66 30.50
C GLY H 28 -25.43 -8.98 29.56
N ALA H 29 -25.56 -10.03 28.75
CA ALA H 29 -24.49 -10.34 27.82
C ALA H 29 -24.38 -9.18 26.84
N ASP H 30 -23.19 -9.01 26.26
CA ASP H 30 -22.92 -7.99 25.26
C ASP H 30 -22.48 -8.70 23.99
N LEU H 31 -23.28 -8.53 22.94
CA LEU H 31 -23.09 -9.31 21.72
C LEU H 31 -21.66 -9.23 21.21
N SER H 32 -21.08 -8.03 21.17
CA SER H 32 -19.77 -7.87 20.53
C SER H 32 -18.75 -8.82 21.12
N ASP H 33 -18.95 -9.24 22.37
CA ASP H 33 -18.08 -10.22 23.00
C ASP H 33 -18.20 -11.59 22.35
N TYR H 34 -19.29 -11.84 21.63
CA TYR H 34 -19.51 -13.09 20.90
C TYR H 34 -19.25 -12.97 19.41
N PHE H 35 -19.73 -11.92 18.78
CA PHE H 35 -19.65 -11.75 17.34
C PHE H 35 -18.61 -10.70 16.97
N ASN H 36 -17.82 -11.01 15.96
CA ASN H 36 -16.84 -10.07 15.43
C ASN H 36 -17.48 -9.30 14.28
N TYR H 37 -16.79 -8.25 13.83
CA TYR H 37 -17.17 -7.48 12.65
C TYR H 37 -18.56 -6.87 12.76
N GLY H 38 -19.09 -6.77 13.98
CA GLY H 38 -20.37 -6.15 14.17
C GLY H 38 -21.56 -6.99 13.76
N PHE H 39 -21.39 -8.30 13.64
CA PHE H 39 -22.51 -9.16 13.32
C PHE H 39 -23.50 -9.21 14.48
N ASN H 40 -24.76 -9.50 14.14
CA ASN H 40 -25.77 -9.94 15.08
C ASN H 40 -26.10 -11.39 14.76
N GLU H 41 -26.89 -12.02 15.62
CA GLU H 41 -27.21 -13.43 15.38
C GLU H 41 -27.72 -13.63 13.97
N ASP H 42 -28.64 -12.78 13.52
CA ASP H 42 -29.26 -12.99 12.22
C ASP H 42 -28.25 -12.80 11.09
N THR H 43 -27.34 -11.84 11.24
CA THR H 43 -26.41 -11.57 10.15
C THR H 43 -25.44 -12.74 9.99
N TRP H 44 -25.03 -13.34 11.10
CA TRP H 44 -24.20 -14.54 11.03
C TRP H 44 -24.98 -15.69 10.42
N LYS H 45 -26.25 -15.83 10.81
CA LYS H 45 -27.10 -16.87 10.24
C LYS H 45 -27.14 -16.75 8.72
N ALA H 46 -27.48 -15.56 8.23
CA ALA H 46 -27.54 -15.33 6.79
C ALA H 46 -26.18 -15.53 6.15
N TYR H 47 -25.12 -15.09 6.82
CA TYR H 47 -23.78 -15.20 6.24
C TYR H 47 -23.38 -16.65 6.10
N CYS H 48 -23.76 -17.49 7.06
CA CYS H 48 -23.50 -18.92 6.92
C CYS H 48 -24.36 -19.51 5.81
N GLU H 49 -25.61 -19.05 5.69
CA GLU H 49 -26.42 -19.52 4.57
C GLU H 49 -25.75 -19.17 3.25
N LYS H 50 -25.31 -17.92 3.09
CA LYS H 50 -24.68 -17.50 1.86
C LYS H 50 -23.45 -18.34 1.53
N GLN H 51 -22.58 -18.58 2.52
CA GLN H 51 -21.42 -19.43 2.28
C GLN H 51 -21.85 -20.79 1.72
N LYS H 52 -22.80 -21.45 2.40
CA LYS H 52 -23.24 -22.77 1.97
C LYS H 52 -23.89 -22.69 0.59
N ARG H 53 -24.76 -21.70 0.38
CA ARG H 53 -25.45 -21.62 -0.90
C ARG H 53 -24.45 -21.63 -2.05
N ILE H 54 -23.48 -20.72 -2.00
CA ILE H 54 -22.58 -20.50 -3.13
C ILE H 54 -21.74 -21.74 -3.42
N ARG H 55 -21.00 -22.22 -2.43
CA ARG H 55 -20.10 -23.34 -2.69
C ARG H 55 -20.83 -24.60 -3.12
N MET H 56 -22.07 -24.78 -2.69
CA MET H 56 -22.83 -25.98 -3.05
C MET H 56 -24.18 -25.61 -3.64
N GLY H 57 -24.21 -24.60 -4.50
CA GLY H 57 -25.44 -24.19 -5.14
C GLY H 57 -25.29 -22.94 -5.99
N ASN I 2 -22.95 -3.10 2.43
CA ASN I 2 -24.08 -3.91 1.99
C ASN I 2 -23.74 -4.60 0.68
N ALA I 3 -23.67 -3.82 -0.40
CA ALA I 3 -23.24 -4.31 -1.70
C ALA I 3 -21.86 -3.75 -2.02
N GLY I 4 -21.03 -4.59 -2.64
CA GLY I 4 -19.69 -4.16 -3.03
C GLY I 4 -19.70 -2.91 -3.89
N SER I 5 -18.53 -2.25 -3.93
CA SER I 5 -18.33 -1.08 -4.78
C SER I 5 -16.85 -0.73 -4.80
N ILE I 6 -16.35 -0.32 -5.95
CA ILE I 6 -14.98 0.17 -6.11
C ILE I 6 -15.04 1.53 -6.78
N ASN I 7 -14.57 2.57 -6.07
CA ASN I 7 -14.58 3.95 -6.56
C ASN I 7 -15.89 4.29 -7.27
N GLY I 8 -17.00 3.89 -6.65
CA GLY I 8 -18.31 4.24 -7.10
C GLY I 8 -18.87 3.33 -8.15
N VAL I 9 -18.28 2.15 -8.33
CA VAL I 9 -18.72 1.20 -9.34
C VAL I 9 -19.04 -0.08 -8.58
N PRO I 10 -20.27 -0.58 -8.63
CA PRO I 10 -20.60 -1.80 -7.89
C PRO I 10 -19.64 -2.94 -8.22
N LEU I 11 -19.32 -3.72 -7.19
CA LEU I 11 -18.29 -4.75 -7.34
C LEU I 11 -18.63 -5.73 -8.45
N LEU I 12 -19.92 -6.03 -8.63
CA LEU I 12 -20.30 -7.00 -9.64
C LEU I 12 -20.17 -6.44 -11.04
N GLU I 13 -20.22 -5.12 -11.20
CA GLU I 13 -20.14 -4.51 -12.51
C GLU I 13 -18.73 -4.11 -12.90
N VAL I 14 -17.77 -4.22 -12.00
CA VAL I 14 -16.38 -4.00 -12.35
C VAL I 14 -15.86 -5.23 -13.06
N ASP I 15 -15.04 -5.04 -14.09
CA ASP I 15 -14.48 -6.14 -14.85
C ASP I 15 -13.03 -6.37 -14.43
N LEU I 16 -12.73 -7.62 -14.04
CA LEU I 16 -11.37 -7.91 -13.59
C LEU I 16 -10.34 -7.70 -14.68
N ASP I 17 -10.76 -7.75 -15.95
CA ASP I 17 -9.89 -7.49 -17.08
C ASP I 17 -9.45 -6.04 -17.15
N SER I 18 -10.09 -5.13 -16.41
CA SER I 18 -9.81 -3.71 -16.54
C SER I 18 -8.50 -3.29 -15.88
N PHE I 19 -8.39 -3.40 -14.56
CA PHE I 19 -7.13 -3.01 -13.93
C PHE I 19 -6.01 -3.92 -14.45
N GLU I 20 -4.85 -3.31 -14.68
CA GLU I 20 -3.69 -4.00 -15.26
C GLU I 20 -2.86 -4.76 -14.24
N ASP I 21 -3.06 -4.50 -12.94
CA ASP I 21 -2.16 -5.09 -11.95
C ASP I 21 -2.44 -6.58 -11.76
N LYS I 22 -3.69 -6.96 -11.52
CA LYS I 22 -4.09 -8.35 -11.31
C LYS I 22 -3.07 -9.05 -10.39
N PRO I 23 -2.99 -8.63 -9.13
CA PRO I 23 -1.97 -9.20 -8.24
C PRO I 23 -2.29 -10.56 -7.65
N TRP I 24 -3.37 -11.23 -8.02
CA TRP I 24 -3.69 -12.49 -7.36
C TRP I 24 -3.30 -13.73 -8.16
N ARG I 25 -2.70 -13.59 -9.33
CA ARG I 25 -2.23 -14.76 -10.07
C ARG I 25 -0.75 -15.06 -9.85
N LYS I 26 0.00 -14.15 -9.22
CA LYS I 26 1.42 -14.38 -9.03
C LYS I 26 1.65 -15.58 -8.12
N PRO I 27 2.87 -16.12 -8.14
CA PRO I 27 3.14 -17.36 -7.40
C PRO I 27 2.96 -17.19 -5.90
N GLY I 28 2.64 -18.31 -5.24
CA GLY I 28 2.46 -18.32 -3.79
C GLY I 28 1.37 -17.40 -3.32
N ALA I 29 0.27 -17.32 -4.07
CA ALA I 29 -0.84 -16.42 -3.78
C ALA I 29 -1.96 -17.15 -3.07
N ASP I 30 -2.39 -16.61 -1.93
CA ASP I 30 -3.54 -17.12 -1.21
C ASP I 30 -4.78 -16.53 -1.84
N LEU I 31 -5.41 -17.30 -2.74
CA LEU I 31 -6.57 -16.81 -3.46
C LEU I 31 -7.69 -16.39 -2.52
N SER I 32 -7.66 -16.84 -1.26
CA SER I 32 -8.66 -16.45 -0.28
C SER I 32 -8.55 -15.00 0.16
N ASP I 33 -7.38 -14.36 0.02
CA ASP I 33 -7.29 -12.94 0.39
C ASP I 33 -8.13 -12.10 -0.55
N TYR I 34 -8.28 -12.52 -1.81
CA TYR I 34 -8.97 -11.74 -2.82
C TYR I 34 -10.43 -12.16 -2.98
N PHE I 35 -10.66 -13.46 -3.05
CA PHE I 35 -11.97 -14.03 -3.34
C PHE I 35 -12.58 -14.71 -2.13
N ASN I 36 -13.83 -14.39 -1.85
CA ASN I 36 -14.59 -15.05 -0.80
C ASN I 36 -15.34 -16.26 -1.38
N TYR I 37 -15.92 -17.06 -0.49
CA TYR I 37 -16.76 -18.20 -0.84
C TYR I 37 -16.05 -19.19 -1.75
N GLY I 38 -14.73 -19.16 -1.79
CA GLY I 38 -14.01 -20.04 -2.68
C GLY I 38 -14.27 -19.74 -4.14
N PHE I 39 -14.60 -18.51 -4.46
CA PHE I 39 -14.80 -18.14 -5.85
C PHE I 39 -13.51 -18.29 -6.65
N ASN I 40 -13.66 -18.37 -7.96
CA ASN I 40 -12.53 -18.27 -8.88
C ASN I 40 -12.73 -17.03 -9.74
N GLU I 41 -11.62 -16.55 -10.31
CA GLU I 41 -11.69 -15.39 -11.18
C GLU I 41 -12.71 -15.59 -12.29
N ASP I 42 -12.62 -16.72 -12.99
CA ASP I 42 -13.57 -17.03 -14.04
C ASP I 42 -14.94 -17.33 -13.46
N THR I 43 -14.97 -18.07 -12.35
CA THR I 43 -16.22 -18.40 -11.70
C THR I 43 -16.88 -17.17 -11.09
N TRP I 44 -16.08 -16.24 -10.56
CA TRP I 44 -16.62 -14.99 -10.03
C TRP I 44 -17.28 -14.17 -11.13
N LYS I 45 -16.60 -14.04 -12.27
CA LYS I 45 -17.22 -13.36 -13.41
C LYS I 45 -18.53 -14.01 -13.80
N ALA I 46 -18.58 -15.34 -13.77
CA ALA I 46 -19.83 -16.03 -14.04
C ALA I 46 -20.91 -15.65 -13.02
N TYR I 47 -20.57 -15.74 -11.73
CA TYR I 47 -21.47 -15.27 -10.68
C TYR I 47 -21.92 -13.85 -10.95
N CYS I 48 -20.97 -12.98 -11.32
CA CYS I 48 -21.32 -11.60 -11.59
C CYS I 48 -22.36 -11.51 -12.71
N GLU I 49 -22.09 -12.13 -13.85
CA GLU I 49 -23.04 -11.99 -14.94
C GLU I 49 -24.35 -12.73 -14.68
N LYS I 50 -24.31 -13.86 -13.99
CA LYS I 50 -25.56 -14.51 -13.62
C LYS I 50 -26.40 -13.61 -12.73
N GLN I 51 -25.80 -13.10 -11.66
CA GLN I 51 -26.55 -12.28 -10.72
C GLN I 51 -27.04 -10.99 -11.38
N LYS I 52 -26.24 -10.45 -12.29
CA LYS I 52 -26.59 -9.20 -12.97
C LYS I 52 -27.80 -9.38 -13.87
N ARG I 53 -27.93 -10.52 -14.54
CA ARG I 53 -29.06 -10.70 -15.45
C ARG I 53 -30.38 -10.63 -14.71
N ILE I 54 -30.39 -11.01 -13.44
CA ILE I 54 -31.59 -10.90 -12.62
C ILE I 54 -31.81 -9.44 -12.27
N ARG I 55 -33.01 -8.94 -12.57
CA ARG I 55 -33.26 -7.51 -12.34
C ARG I 55 -34.73 -7.20 -12.18
N MET I 56 -35.29 -7.49 -11.01
CA MET I 56 -36.65 -7.10 -10.69
C MET I 56 -36.86 -7.09 -9.17
N ASP J 9 0.57 15.54 -19.33
CA ASP J 9 1.36 16.71 -19.71
C ASP J 9 0.52 17.98 -19.66
N CYS J 10 -0.70 17.90 -20.16
CA CYS J 10 -1.53 19.10 -20.30
C CYS J 10 -2.12 19.49 -18.95
N PRO J 11 -1.86 20.69 -18.45
CA PRO J 11 -2.52 21.13 -17.21
C PRO J 11 -4.03 21.23 -17.36
N TRP J 12 -4.50 21.72 -18.50
CA TRP J 12 -5.93 21.95 -18.66
C TRP J 12 -6.71 20.65 -18.63
N TYR J 13 -6.19 19.60 -19.28
CA TYR J 13 -6.88 18.32 -19.30
C TYR J 13 -6.86 17.64 -17.94
N ASP J 14 -5.75 17.72 -17.22
CA ASP J 14 -5.67 17.05 -15.92
C ASP J 14 -6.60 17.68 -14.89
N ARG J 15 -6.84 18.98 -14.96
CA ARG J 15 -7.92 19.60 -14.21
C ARG J 15 -9.27 19.10 -14.68
N GLY J 16 -9.35 18.62 -15.92
CA GLY J 16 -10.55 17.94 -16.36
C GLY J 16 -11.02 18.29 -17.74
N PHE J 17 -10.56 19.40 -18.31
CA PHE J 17 -11.08 19.82 -19.60
C PHE J 17 -10.08 20.71 -20.32
N CYS J 18 -9.83 20.42 -21.59
CA CYS J 18 -8.99 21.24 -22.47
C CYS J 18 -9.85 21.60 -23.66
N LYS J 19 -10.02 22.90 -23.92
CA LYS J 19 -10.94 23.34 -24.94
C LYS J 19 -10.56 22.79 -26.32
N HIS J 20 -9.30 22.94 -26.73
CA HIS J 20 -8.83 22.49 -28.03
C HIS J 20 -8.26 21.08 -27.89
N GLY J 21 -9.17 20.14 -27.60
CA GLY J 21 -8.84 18.76 -27.33
C GLY J 21 -7.92 18.05 -28.29
N PRO J 22 -8.34 17.88 -29.54
CA PRO J 22 -7.46 17.23 -30.52
C PRO J 22 -6.34 18.12 -30.97
N LEU J 23 -6.47 19.44 -30.82
CA LEU J 23 -5.49 20.38 -31.32
C LEU J 23 -4.52 20.84 -30.24
N CYS J 24 -4.66 20.36 -29.02
CA CYS J 24 -3.77 20.80 -27.96
C CYS J 24 -2.37 20.27 -28.20
N ARG J 25 -1.36 21.09 -27.87
CA ARG J 25 0.02 20.66 -28.02
C ARG J 25 0.43 19.59 -27.02
N HIS J 26 -0.24 19.51 -25.87
CA HIS J 26 0.21 18.66 -24.79
C HIS J 26 -0.52 17.32 -24.81
N ARG J 27 -0.14 16.45 -23.87
CA ARG J 27 -0.67 15.10 -23.83
C ARG J 27 -2.08 15.12 -23.25
N HIS J 28 -2.98 14.37 -23.89
CA HIS J 28 -4.34 14.24 -23.40
C HIS J 28 -4.68 12.81 -23.03
N THR J 29 -3.85 12.19 -22.22
CA THR J 29 -4.07 10.84 -21.76
C THR J 29 -5.22 10.82 -20.76
N ARG J 30 -6.23 10.00 -21.03
CA ARG J 30 -7.39 9.94 -20.16
C ARG J 30 -7.05 9.30 -18.82
N ARG J 31 -7.65 9.81 -17.74
CA ARG J 31 -7.38 9.32 -16.40
C ARG J 31 -8.71 9.02 -15.72
N VAL J 32 -8.62 8.42 -14.53
CA VAL J 32 -9.79 8.06 -13.73
C VAL J 32 -9.80 8.90 -12.47
N ILE J 33 -10.97 9.39 -12.10
CA ILE J 33 -11.13 10.27 -10.95
C ILE J 33 -11.57 9.49 -9.74
N CYS J 34 -11.16 9.97 -8.56
CA CYS J 34 -11.59 9.38 -7.30
C CYS J 34 -12.94 9.95 -6.92
N VAL J 35 -13.99 9.12 -6.89
CA VAL J 35 -15.29 9.60 -6.48
C VAL J 35 -15.19 10.29 -5.13
N ASN J 36 -14.40 9.74 -4.21
CA ASN J 36 -14.33 10.32 -2.88
C ASN J 36 -13.74 11.72 -2.91
N TYR J 37 -12.72 11.95 -3.74
CA TYR J 37 -12.21 13.32 -3.85
C TYR J 37 -13.21 14.23 -4.54
N LEU J 38 -13.97 13.71 -5.50
CA LEU J 38 -14.96 14.53 -6.18
C LEU J 38 -16.06 14.95 -5.24
N VAL J 39 -16.35 14.13 -4.23
CA VAL J 39 -17.39 14.50 -3.28
C VAL J 39 -16.85 15.45 -2.21
N GLY J 40 -15.58 15.34 -1.84
CA GLY J 40 -15.00 16.31 -0.94
C GLY J 40 -13.81 15.87 -0.13
N PHE J 41 -13.73 14.59 0.21
CA PHE J 41 -12.67 14.12 1.08
C PHE J 41 -12.23 12.72 0.66
N CYS J 42 -10.91 12.50 0.64
CA CYS J 42 -10.35 11.17 0.41
C CYS J 42 -9.24 10.92 1.42
N PRO J 43 -9.32 9.86 2.23
CA PRO J 43 -8.27 9.63 3.24
C PRO J 43 -6.97 9.13 2.65
N GLU J 44 -7.00 8.51 1.48
CA GLU J 44 -5.79 8.03 0.83
C GLU J 44 -4.87 9.19 0.48
N GLY J 45 -5.43 10.38 0.31
CA GLY J 45 -4.68 11.58 0.02
C GLY J 45 -3.75 11.42 -1.17
N PRO J 46 -2.48 11.79 -1.00
CA PRO J 46 -1.53 11.64 -2.12
C PRO J 46 -1.35 10.20 -2.55
N SER J 47 -1.64 9.24 -1.66
CA SER J 47 -1.43 7.83 -1.95
C SER J 47 -2.59 7.22 -2.71
N CYS J 48 -3.66 7.97 -2.97
CA CYS J 48 -4.83 7.38 -3.59
C CYS J 48 -4.52 6.88 -5.00
N LYS J 49 -5.10 5.73 -5.34
CA LYS J 49 -4.94 5.16 -6.67
C LYS J 49 -5.53 6.07 -7.74
N PHE J 50 -6.61 6.78 -7.40
CA PHE J 50 -7.39 7.54 -8.37
C PHE J 50 -7.04 9.01 -8.28
N MET J 51 -7.27 9.70 -9.38
CA MET J 51 -6.76 11.04 -9.54
C MET J 51 -7.45 11.99 -8.57
N HIS J 52 -6.68 12.87 -7.94
CA HIS J 52 -7.20 13.94 -7.09
C HIS J 52 -6.84 15.27 -7.74
N PRO J 53 -7.51 15.61 -8.83
CA PRO J 53 -7.15 16.84 -9.56
C PRO J 53 -7.36 18.09 -8.74
N ARG J 54 -6.38 18.98 -8.81
CA ARG J 54 -6.57 20.33 -8.31
C ARG J 54 -7.48 21.06 -9.29
N PHE J 55 -8.38 21.88 -8.76
CA PHE J 55 -9.34 22.60 -9.59
C PHE J 55 -8.92 24.01 -9.93
N GLU J 56 -7.72 24.43 -9.56
CA GLU J 56 -7.25 25.76 -9.91
C GLU J 56 -6.04 25.71 -10.83
N LYS K 22 -19.18 23.46 -27.98
CA LYS K 22 -18.54 23.94 -29.19
C LYS K 22 -17.88 22.76 -29.94
N PRO K 23 -16.56 22.54 -29.85
CA PRO K 23 -15.96 21.61 -30.82
C PRO K 23 -16.15 20.15 -30.46
N TRP K 24 -16.59 19.82 -29.25
CA TRP K 24 -16.93 18.45 -28.95
C TRP K 24 -18.28 18.04 -29.53
N ARG K 25 -19.15 19.01 -29.81
CA ARG K 25 -20.51 18.69 -30.29
C ARG K 25 -20.55 18.56 -31.81
N LYS K 26 -19.52 17.99 -32.38
CA LYS K 26 -19.41 17.77 -33.81
C LYS K 26 -19.53 16.29 -34.17
N PRO K 27 -20.04 15.96 -35.37
CA PRO K 27 -20.21 14.54 -35.72
C PRO K 27 -18.91 13.76 -35.68
N GLY K 28 -17.82 14.34 -36.15
CA GLY K 28 -16.52 13.73 -36.23
C GLY K 28 -15.71 13.78 -34.96
N ALA K 29 -16.26 14.40 -33.92
CA ALA K 29 -15.57 14.59 -32.65
C ALA K 29 -15.56 13.37 -31.74
N ASP K 30 -14.59 13.36 -30.83
CA ASP K 30 -14.45 12.37 -29.77
C ASP K 30 -14.46 13.16 -28.47
N LEU K 31 -15.50 13.00 -27.65
CA LEU K 31 -15.59 13.78 -26.41
C LEU K 31 -14.34 13.60 -25.57
N SER K 32 -13.83 12.37 -25.49
CA SER K 32 -12.69 12.06 -24.65
C SER K 32 -11.51 12.98 -24.94
N ASP K 33 -11.41 13.51 -26.15
CA ASP K 33 -10.35 14.45 -26.48
C ASP K 33 -10.49 15.76 -25.73
N TYR K 34 -11.70 16.09 -25.27
CA TYR K 34 -11.95 17.34 -24.57
C TYR K 34 -12.10 17.16 -23.07
N PHE K 35 -12.86 16.15 -22.65
CA PHE K 35 -13.21 15.93 -21.25
C PHE K 35 -12.45 14.75 -20.69
N ASN K 36 -11.88 14.94 -19.50
CA ASN K 36 -11.16 13.90 -18.79
C ASN K 36 -12.10 13.21 -17.81
N TYR K 37 -11.64 12.07 -17.28
CA TYR K 37 -12.35 11.36 -16.22
C TYR K 37 -13.78 10.99 -16.62
N GLY K 38 -14.07 10.96 -17.90
CA GLY K 38 -15.40 10.61 -18.36
C GLY K 38 -16.44 11.69 -18.25
N PHE K 39 -16.03 12.95 -18.16
CA PHE K 39 -16.98 14.05 -18.15
C PHE K 39 -17.68 14.19 -19.50
N ASN K 40 -18.88 14.77 -19.47
CA ASN K 40 -19.52 15.34 -20.65
C ASN K 40 -19.62 16.84 -20.42
N GLU K 41 -20.07 17.57 -21.42
CA GLU K 41 -20.25 19.01 -21.26
C GLU K 41 -21.10 19.36 -20.06
N ASP K 42 -22.25 18.70 -19.90
CA ASP K 42 -23.17 19.11 -18.84
C ASP K 42 -22.61 18.81 -17.45
N THR K 43 -21.98 17.66 -17.25
CA THR K 43 -21.47 17.34 -15.93
C THR K 43 -20.26 18.19 -15.59
N TRP K 44 -19.43 18.50 -16.58
CA TRP K 44 -18.34 19.44 -16.33
C TRP K 44 -18.90 20.79 -15.92
N LYS K 45 -19.96 21.25 -16.59
CA LYS K 45 -20.62 22.46 -16.16
C LYS K 45 -21.07 22.34 -14.70
N ALA K 46 -21.78 21.27 -14.36
CA ALA K 46 -22.23 21.08 -13.00
C ALA K 46 -21.06 21.03 -12.02
N TYR K 47 -19.95 20.41 -12.43
CA TYR K 47 -18.80 20.26 -11.53
C TYR K 47 -18.17 21.60 -11.23
N CYS K 48 -18.05 22.48 -12.23
CA CYS K 48 -17.55 23.82 -11.95
C CYS K 48 -18.56 24.60 -11.13
N GLU K 49 -19.86 24.41 -11.41
CA GLU K 49 -20.90 25.05 -10.62
C GLU K 49 -20.79 24.64 -9.16
N LYS K 50 -20.70 23.35 -8.88
CA LYS K 50 -20.57 22.91 -7.49
C LYS K 50 -19.33 23.51 -6.84
N GLN K 51 -18.20 23.47 -7.54
CA GLN K 51 -16.98 24.07 -7.02
C GLN K 51 -17.25 25.50 -6.58
N LYS K 52 -17.91 26.29 -7.42
CA LYS K 52 -18.17 27.68 -7.02
C LYS K 52 -19.10 27.73 -5.81
N ARG K 53 -20.20 26.96 -5.84
CA ARG K 53 -21.18 27.08 -4.76
C ARG K 53 -20.52 26.91 -3.40
N ILE K 54 -19.76 25.82 -3.23
CA ILE K 54 -19.18 25.51 -1.92
C ILE K 54 -18.18 26.59 -1.53
N ARG K 55 -17.22 26.87 -2.41
CA ARG K 55 -16.16 27.84 -2.14
C ARG K 55 -16.66 29.26 -1.91
N MET K 56 -17.95 29.52 -2.13
CA MET K 56 -18.49 30.87 -1.94
C MET K 56 -19.58 30.86 -0.88
N SER L 1 -19.83 11.57 -8.58
CA SER L 1 -20.59 10.66 -9.45
C SER L 1 -21.60 9.89 -8.60
N ASN L 2 -21.09 9.18 -7.61
CA ASN L 2 -21.90 8.58 -6.56
C ASN L 2 -21.86 9.50 -5.34
N ALA L 3 -22.53 9.09 -4.27
CA ALA L 3 -22.53 9.90 -3.06
C ALA L 3 -21.28 9.68 -2.23
N GLY L 4 -20.32 8.90 -2.72
CA GLY L 4 -19.15 8.54 -1.97
C GLY L 4 -19.43 7.48 -0.90
N SER L 5 -18.41 6.75 -0.56
CA SER L 5 -18.55 5.71 0.44
C SER L 5 -17.19 5.13 0.80
N ILE L 6 -17.00 4.76 2.06
CA ILE L 6 -15.80 4.08 2.52
C ILE L 6 -16.23 2.78 3.21
N ASN L 7 -15.73 1.67 2.70
CA ASN L 7 -16.08 0.33 3.18
C ASN L 7 -17.59 0.17 3.40
N GLY L 8 -18.36 0.71 2.46
CA GLY L 8 -19.79 0.53 2.47
C GLY L 8 -20.52 1.51 3.34
N VAL L 9 -19.86 2.57 3.77
CA VAL L 9 -20.43 3.60 4.63
C VAL L 9 -20.29 4.92 3.89
N PRO L 10 -21.38 5.61 3.62
CA PRO L 10 -21.29 6.87 2.86
C PRO L 10 -20.27 7.82 3.47
N LEU L 11 -19.52 8.50 2.60
CA LEU L 11 -18.46 9.36 3.05
C LEU L 11 -18.98 10.43 4.00
N LEU L 12 -20.24 10.83 3.83
CA LEU L 12 -20.79 11.92 4.63
C LEU L 12 -21.01 11.51 6.08
N GLU L 13 -21.19 10.22 6.36
CA GLU L 13 -21.43 9.74 7.72
C GLU L 13 -20.18 9.25 8.41
N VAL L 14 -19.04 9.23 7.74
CA VAL L 14 -17.78 8.82 8.36
C VAL L 14 -17.23 9.96 9.21
N ASP L 15 -16.61 9.61 10.33
CA ASP L 15 -15.97 10.58 11.21
C ASP L 15 -14.47 10.54 10.98
N LEU L 16 -13.92 11.70 10.63
CA LEU L 16 -12.47 11.81 10.44
C LEU L 16 -11.75 11.54 11.75
N ASP L 17 -12.40 11.83 12.88
CA ASP L 17 -11.82 11.55 14.18
C ASP L 17 -11.65 10.06 14.35
N SER L 18 -12.33 9.27 13.53
CA SER L 18 -12.29 7.81 13.65
C SER L 18 -10.99 7.25 13.10
N PHE L 19 -10.49 7.81 11.99
CA PHE L 19 -9.20 7.35 11.48
C PHE L 19 -8.12 7.69 12.50
N GLU L 20 -7.21 6.74 12.73
CA GLU L 20 -6.11 6.98 13.65
C GLU L 20 -4.91 7.60 12.94
N ASP L 21 -4.86 7.51 11.61
CA ASP L 21 -3.69 7.98 10.86
C ASP L 21 -3.67 9.50 10.80
N LYS L 22 -4.78 10.10 10.36
CA LYS L 22 -4.94 11.54 10.23
C LYS L 22 -3.70 12.20 9.61
N PRO L 23 -3.36 11.88 8.37
CA PRO L 23 -2.20 12.53 7.73
C PRO L 23 -2.50 13.93 7.25
N TRP L 24 -3.72 14.43 7.46
CA TRP L 24 -4.10 15.76 6.98
C TRP L 24 -4.11 16.81 8.09
N ARG L 25 -3.82 16.43 9.33
CA ARG L 25 -3.76 17.40 10.41
C ARG L 25 -2.35 17.91 10.65
N LYS L 26 -1.35 17.34 9.96
CA LYS L 26 0.02 17.78 10.10
C LYS L 26 0.16 19.23 9.65
N PRO L 27 1.16 19.94 10.16
CA PRO L 27 1.31 21.36 9.76
C PRO L 27 1.73 21.55 8.31
N GLY L 28 2.47 20.60 7.74
CA GLY L 28 2.93 20.67 6.35
C GLY L 28 2.09 19.93 5.33
N ALA L 29 0.90 19.51 5.72
CA ALA L 29 0.02 18.73 4.85
C ALA L 29 -0.69 19.59 3.81
N ASP L 30 -0.69 19.12 2.55
CA ASP L 30 -1.41 19.78 1.47
C ASP L 30 -2.86 19.33 1.52
N LEU L 31 -3.72 20.19 2.09
CA LEU L 31 -5.12 19.85 2.25
C LEU L 31 -5.81 19.57 0.93
N SER L 32 -5.24 20.05 -0.17
CA SER L 32 -5.78 19.74 -1.49
C SER L 32 -5.57 18.29 -1.84
N ASP L 33 -4.61 17.61 -1.21
CA ASP L 33 -4.40 16.21 -1.49
C ASP L 33 -5.59 15.39 -0.99
N TYR L 34 -6.19 15.81 0.10
CA TYR L 34 -7.32 15.13 0.74
C TYR L 34 -8.65 15.78 0.44
N PHE L 35 -8.70 17.10 0.50
CA PHE L 35 -9.95 17.85 0.49
C PHE L 35 -10.13 18.61 -0.82
N ASN L 36 -11.31 18.44 -1.41
CA ASN L 36 -11.74 19.21 -2.56
C ASN L 36 -12.49 20.45 -2.09
N TYR L 37 -12.76 21.36 -3.01
CA TYR L 37 -13.50 22.60 -2.73
C TYR L 37 -12.83 23.45 -1.66
N GLY L 38 -11.54 23.26 -1.43
CA GLY L 38 -10.85 24.02 -0.39
C GLY L 38 -11.29 23.69 1.02
N PHE L 39 -11.79 22.49 1.24
CA PHE L 39 -12.21 22.09 2.57
C PHE L 39 -11.01 21.94 3.50
N ASN L 40 -11.29 22.02 4.80
CA ASN L 40 -10.42 21.58 5.89
C ASN L 40 -11.23 20.58 6.69
N GLU L 41 -10.57 19.86 7.60
CA GLU L 41 -11.31 18.91 8.43
C GLU L 41 -12.54 19.56 9.05
N ASP L 42 -12.37 20.75 9.61
CA ASP L 42 -13.49 21.41 10.30
C ASP L 42 -14.58 21.82 9.33
N THR L 43 -14.21 22.39 8.19
CA THR L 43 -15.22 22.78 7.22
C THR L 43 -15.92 21.56 6.63
N TRP L 44 -15.18 20.45 6.49
CA TRP L 44 -15.76 19.23 5.96
C TRP L 44 -16.79 18.66 6.93
N LYS L 45 -16.46 18.58 8.22
CA LYS L 45 -17.41 18.06 9.18
C LYS L 45 -18.66 18.93 9.23
N ALA L 46 -18.48 20.24 9.19
CA ALA L 46 -19.63 21.14 9.15
C ALA L 46 -20.48 20.87 7.92
N TYR L 47 -19.85 20.84 6.76
CA TYR L 47 -20.54 20.45 5.54
C TYR L 47 -21.24 19.11 5.74
N CYS L 48 -20.51 18.14 6.30
CA CYS L 48 -21.11 16.83 6.54
C CYS L 48 -22.36 16.95 7.41
N GLU L 49 -22.24 17.63 8.54
CA GLU L 49 -23.36 17.75 9.47
C GLU L 49 -24.45 18.60 8.87
N LYS L 50 -24.09 19.57 8.03
CA LYS L 50 -25.09 20.32 7.27
C LYS L 50 -25.89 19.38 6.37
N GLN L 51 -25.19 18.51 5.64
CA GLN L 51 -25.86 17.62 4.69
C GLN L 51 -26.84 16.72 5.39
N LYS L 52 -26.52 16.27 6.61
CA LYS L 52 -27.47 15.44 7.32
C LYS L 52 -28.71 16.25 7.67
N ARG L 53 -28.51 17.51 8.08
CA ARG L 53 -29.61 18.37 8.47
C ARG L 53 -30.61 18.58 7.35
N ILE L 54 -30.22 18.33 6.10
CA ILE L 54 -31.14 18.43 4.98
C ILE L 54 -32.21 17.36 5.11
ZN ZN M . 9.20 -25.14 -15.95
ZN ZN N . 9.42 -9.44 0.92
ZN ZN O . 9.18 22.98 18.01
ZN ZN P . 10.68 6.87 1.83
ZN ZN Q . -13.37 -17.31 21.42
ZN ZN R . -10.97 -6.08 1.38
ZN ZN S . -4.75 20.16 -23.66
ZN ZN T . -9.05 9.16 -3.59
#